data_5LXH
#
_entry.id   5LXH
#
_cell.length_a   51.520
_cell.length_b   79.885
_cell.length_c   97.643
_cell.angle_alpha   90.00
_cell.angle_beta   90.00
_cell.angle_gamma   90.00
#
_symmetry.space_group_name_H-M   'P 21 21 21'
#
loop_
_entity.id
_entity.type
_entity.pdbx_description
1 polymer 'Gamma-aminobutyric acid receptor-associated protein-like 1'
2 polymer 'Cysteine protease ATG4B'
3 non-polymer 'SULFATE ION'
4 non-polymer GLYCEROL
5 water water
#
loop_
_entity_poly.entity_id
_entity_poly.type
_entity_poly.pdbx_seq_one_letter_code
_entity_poly.pdbx_strand_id
1 'polypeptide(L)'
;GPTMGSMKFQYKEDHPFEYRKKEGEKIRKKYPDRVPVIVEKAPKARVPDLDKRKYLVPSDLTVGQFYFLIRKRIHLRPED
ALFFFVNNTIPPTSATMGQLYEDNHEEDYFLYVAYSDESVYGK
;
A,B,C
2 'polypeptide(L)' EDEDFEILSL E,F,G
#
# COMPACT_ATOMS: atom_id res chain seq x y z
N SER A 6 -26.59 7.50 9.95
CA SER A 6 -26.22 7.41 11.36
C SER A 6 -24.94 6.60 11.58
N MET A 7 -24.04 6.62 10.60
CA MET A 7 -22.72 6.03 10.78
CA MET A 7 -22.73 6.03 10.80
C MET A 7 -22.01 6.76 11.92
N LYS A 8 -21.43 5.99 12.83
CA LYS A 8 -20.61 6.58 13.89
C LYS A 8 -19.21 6.81 13.34
N PHE A 9 -18.61 7.91 13.78
CA PHE A 9 -17.21 8.24 13.55
C PHE A 9 -16.54 8.42 14.90
N GLN A 10 -15.32 7.87 15.08
CA GLN A 10 -14.72 7.88 16.42
C GLN A 10 -14.43 9.30 16.91
N TYR A 11 -13.99 10.19 16.00
CA TYR A 11 -13.70 11.56 16.42
C TYR A 11 -14.93 12.24 16.99
N LYS A 12 -16.10 11.92 16.44
CA LYS A 12 -17.36 12.39 17.02
C LYS A 12 -17.68 11.64 18.30
N GLU A 13 -17.49 10.31 18.29
CA GLU A 13 -17.78 9.52 19.48
C GLU A 13 -16.90 9.94 20.66
N ASP A 14 -15.71 10.46 20.40
CA ASP A 14 -14.74 10.70 21.47
C ASP A 14 -14.64 12.16 21.92
N HIS A 15 -15.36 13.08 21.28
CA HIS A 15 -15.29 14.51 21.62
C HIS A 15 -16.66 15.15 21.55
N PRO A 16 -16.95 16.10 22.44
CA PRO A 16 -18.24 16.78 22.42
C PRO A 16 -18.27 17.84 21.32
N PHE A 17 -19.49 18.18 20.89
CA PHE A 17 -19.69 19.09 19.77
C PHE A 17 -18.87 20.36 19.90
N GLU A 18 -18.95 21.03 21.07
CA GLU A 18 -18.33 22.35 21.20
C GLU A 18 -16.81 22.29 21.05
N TYR A 19 -16.19 21.19 21.47
CA TYR A 19 -14.76 21.00 21.21
C TYR A 19 -14.48 20.87 19.72
N ARG A 20 -15.28 20.06 19.03
CA ARG A 20 -15.06 19.86 17.61
C ARG A 20 -15.24 21.17 16.83
N LYS A 21 -16.29 21.95 17.14
CA LYS A 21 -16.56 23.16 16.38
C LYS A 21 -15.47 24.20 16.56
N LYS A 22 -14.96 24.36 17.80
CA LYS A 22 -13.82 25.24 18.02
C LYS A 22 -12.65 24.80 17.17
N GLU A 23 -12.39 23.49 17.10
CA GLU A 23 -11.25 22.99 16.35
C GLU A 23 -11.44 23.12 14.83
N GLY A 24 -12.65 22.88 14.32
CA GLY A 24 -12.86 23.05 12.89
C GLY A 24 -12.71 24.51 12.48
N GLU A 25 -13.17 25.42 13.34
CA GLU A 25 -13.11 26.85 13.01
C GLU A 25 -11.68 27.36 13.05
N LYS A 26 -10.91 26.91 14.02
CA LYS A 26 -9.49 27.25 14.07
C LYS A 26 -8.76 26.85 12.81
N ILE A 27 -8.94 25.60 12.37
CA ILE A 27 -8.17 25.08 11.26
C ILE A 27 -8.64 25.73 9.97
N ARG A 28 -9.94 26.02 9.87
CA ARG A 28 -10.43 26.74 8.71
C ARG A 28 -9.86 28.16 8.68
N LYS A 29 -9.68 28.78 9.85
CA LYS A 29 -9.04 30.09 9.91
C LYS A 29 -7.55 30.01 9.55
N LYS A 30 -6.87 28.95 9.97
CA LYS A 30 -5.44 28.85 9.72
C LYS A 30 -5.14 28.45 8.29
N TYR A 31 -5.98 27.64 7.67
CA TYR A 31 -5.73 27.17 6.31
C TYR A 31 -6.95 27.38 5.43
N PRO A 32 -7.19 28.62 4.96
CA PRO A 32 -8.43 28.91 4.24
C PRO A 32 -8.57 28.20 2.90
N ASP A 33 -7.48 27.77 2.27
CA ASP A 33 -7.59 27.03 1.01
C ASP A 33 -7.52 25.53 1.22
N ARG A 34 -7.77 25.06 2.43
CA ARG A 34 -7.79 23.63 2.71
CA ARG A 34 -7.81 23.63 2.69
C ARG A 34 -9.06 23.31 3.49
N VAL A 35 -9.44 22.04 3.49
CA VAL A 35 -10.63 21.65 4.26
C VAL A 35 -10.29 20.45 5.14
N PRO A 36 -10.86 20.38 6.35
CA PRO A 36 -10.54 19.26 7.25
C PRO A 36 -11.54 18.14 7.05
N VAL A 37 -11.00 16.95 6.88
CA VAL A 37 -11.77 15.78 6.47
C VAL A 37 -11.46 14.64 7.41
N ILE A 38 -12.50 13.95 7.89
CA ILE A 38 -12.33 12.78 8.75
C ILE A 38 -12.82 11.58 7.96
N VAL A 39 -11.95 10.58 7.76
CA VAL A 39 -12.18 9.43 6.89
C VAL A 39 -12.17 8.15 7.71
N GLU A 40 -13.18 7.31 7.53
CA GLU A 40 -13.24 6.04 8.25
C GLU A 40 -13.87 4.97 7.38
N LYS A 41 -13.37 3.75 7.51
CA LYS A 41 -14.00 2.63 6.81
CA LYS A 41 -13.99 2.62 6.82
C LYS A 41 -15.43 2.43 7.30
N ALA A 42 -16.35 2.16 6.38
CA ALA A 42 -17.70 1.77 6.80
C ALA A 42 -17.62 0.47 7.61
N PRO A 43 -18.31 0.38 8.74
CA PRO A 43 -18.15 -0.81 9.58
C PRO A 43 -18.57 -2.05 8.82
N LYS A 44 -17.77 -3.10 8.98
CA LYS A 44 -18.03 -4.39 8.35
C LYS A 44 -17.89 -4.34 6.83
N ALA A 45 -17.34 -3.27 6.25
CA ALA A 45 -16.83 -3.36 4.89
C ALA A 45 -15.60 -4.25 4.87
N ARG A 46 -15.48 -5.08 3.83
CA ARG A 46 -14.40 -6.06 3.80
C ARG A 46 -13.21 -5.50 3.03
N VAL A 47 -12.70 -4.38 3.54
CA VAL A 47 -11.53 -3.69 3.01
C VAL A 47 -10.62 -3.35 4.17
N PRO A 48 -9.36 -3.04 3.91
CA PRO A 48 -8.46 -2.68 5.00
C PRO A 48 -8.87 -1.38 5.62
N ASP A 49 -8.63 -1.29 6.93
CA ASP A 49 -8.78 -0.06 7.67
C ASP A 49 -7.72 0.99 7.29
N LEU A 50 -8.13 2.24 7.37
CA LEU A 50 -7.25 3.38 7.20
C LEU A 50 -6.88 3.89 8.59
N ASP A 51 -5.59 3.80 8.95
CA ASP A 51 -5.20 4.11 10.33
C ASP A 51 -5.31 5.60 10.66
N LYS A 52 -4.74 6.46 9.80
CA LYS A 52 -4.83 7.89 10.01
C LYS A 52 -6.18 8.41 9.51
N ARG A 53 -6.91 9.05 10.41
CA ARG A 53 -8.29 9.37 10.10
CA ARG A 53 -8.31 9.39 10.19
C ARG A 53 -8.53 10.84 9.80
N LYS A 54 -7.70 11.77 10.29
CA LYS A 54 -7.90 13.21 10.10
C LYS A 54 -6.93 13.82 9.09
N TYR A 55 -7.46 14.55 8.12
CA TYR A 55 -6.70 15.08 7.00
C TYR A 55 -7.03 16.54 6.80
N LEU A 56 -6.04 17.31 6.40
CA LEU A 56 -6.27 18.69 5.96
C LEU A 56 -5.98 18.70 4.48
N VAL A 57 -7.02 18.86 3.64
CA VAL A 57 -6.79 18.58 2.21
C VAL A 57 -6.98 19.82 1.33
N PRO A 58 -6.12 20.03 0.32
CA PRO A 58 -6.33 21.19 -0.56
C PRO A 58 -7.74 21.19 -1.14
N SER A 59 -8.39 22.38 -1.11
CA SER A 59 -9.76 22.48 -1.60
C SER A 59 -9.91 21.98 -3.05
N ASP A 60 -8.88 22.16 -3.89
CA ASP A 60 -8.90 21.71 -5.28
C ASP A 60 -8.60 20.24 -5.46
N LEU A 61 -8.17 19.54 -4.40
CA LEU A 61 -7.92 18.10 -4.57
C LEU A 61 -9.23 17.38 -5.02
N THR A 62 -9.13 16.50 -6.01
CA THR A 62 -10.36 15.80 -6.42
C THR A 62 -10.61 14.56 -5.56
N VAL A 63 -11.87 14.13 -5.58
CA VAL A 63 -12.26 12.87 -4.97
C VAL A 63 -11.38 11.74 -5.49
N GLY A 64 -11.19 11.70 -6.81
CA GLY A 64 -10.40 10.63 -7.41
C GLY A 64 -8.96 10.65 -6.93
N GLN A 65 -8.39 11.85 -6.79
CA GLN A 65 -7.04 11.93 -6.20
C GLN A 65 -7.03 11.41 -4.78
N PHE A 66 -8.07 11.73 -4.00
CA PHE A 66 -8.13 11.20 -2.64
CA PHE A 66 -8.13 11.22 -2.64
C PHE A 66 -8.29 9.69 -2.64
N TYR A 67 -9.12 9.14 -3.56
CA TYR A 67 -9.22 7.68 -3.71
C TYR A 67 -7.83 7.09 -3.88
N PHE A 68 -7.07 7.65 -4.80
CA PHE A 68 -5.79 7.07 -5.15
C PHE A 68 -4.84 7.10 -3.96
N LEU A 69 -4.90 8.15 -3.17
CA LEU A 69 -4.09 8.22 -1.95
C LEU A 69 -4.50 7.14 -0.96
N ILE A 70 -5.81 6.99 -0.70
CA ILE A 70 -6.29 5.98 0.25
C ILE A 70 -5.94 4.57 -0.23
N ARG A 71 -6.17 4.28 -1.52
CA ARG A 71 -5.85 2.98 -2.11
C ARG A 71 -4.39 2.61 -1.85
N LYS A 72 -3.49 3.57 -2.07
CA LYS A 72 -2.08 3.32 -1.80
C LYS A 72 -1.85 3.06 -0.31
N ARG A 73 -2.39 3.92 0.55
CA ARG A 73 -2.11 3.78 1.98
C ARG A 73 -2.56 2.44 2.55
N ILE A 74 -3.74 1.96 2.15
CA ILE A 74 -4.26 0.74 2.75
C ILE A 74 -3.90 -0.47 1.92
N HIS A 75 -3.12 -0.31 0.84
CA HIS A 75 -2.70 -1.44 -0.01
C HIS A 75 -3.91 -2.14 -0.63
N LEU A 76 -4.87 -1.38 -1.11
CA LEU A 76 -6.01 -1.99 -1.77
C LEU A 76 -5.53 -2.59 -3.08
N ARG A 77 -5.89 -3.83 -3.36
CA ARG A 77 -5.61 -4.33 -4.69
C ARG A 77 -6.39 -3.50 -5.71
N PRO A 78 -5.84 -3.37 -6.92
CA PRO A 78 -6.42 -2.46 -7.93
C PRO A 78 -7.60 -3.03 -8.68
N GLU A 79 -7.85 -4.35 -8.59
CA GLU A 79 -9.15 -4.90 -8.98
C GLU A 79 -10.25 -4.55 -8.01
N ASP A 80 -9.91 -4.12 -6.80
CA ASP A 80 -10.93 -3.83 -5.82
C ASP A 80 -11.45 -2.42 -6.04
N ALA A 81 -12.75 -2.22 -5.85
CA ALA A 81 -13.39 -0.94 -6.03
C ALA A 81 -13.24 -0.13 -4.75
N LEU A 82 -13.37 1.18 -4.87
CA LEU A 82 -13.40 2.04 -3.68
C LEU A 82 -14.39 3.18 -3.89
N PHE A 83 -15.29 3.36 -2.93
CA PHE A 83 -16.33 4.39 -2.96
C PHE A 83 -16.27 5.20 -1.67
N PHE A 84 -16.47 6.52 -1.78
CA PHE A 84 -16.68 7.35 -0.62
CA PHE A 84 -16.69 7.45 -0.67
C PHE A 84 -18.18 7.57 -0.41
N PHE A 85 -18.59 7.65 0.87
CA PHE A 85 -19.95 8.03 1.23
C PHE A 85 -19.89 9.29 2.07
N VAL A 86 -20.67 10.27 1.69
CA VAL A 86 -20.87 11.51 2.45
C VAL A 86 -22.37 11.71 2.51
N ASN A 87 -22.93 11.69 3.72
CA ASN A 87 -24.38 11.82 3.94
C ASN A 87 -25.15 10.87 3.03
N ASN A 88 -24.69 9.63 3.01
CA ASN A 88 -25.25 8.53 2.20
C ASN A 88 -25.16 8.73 0.70
N THR A 89 -24.42 9.70 0.20
CA THR A 89 -24.29 9.82 -1.25
C THR A 89 -22.86 9.47 -1.61
N ILE A 90 -22.68 9.05 -2.85
CA ILE A 90 -21.36 8.80 -3.42
C ILE A 90 -21.04 9.95 -4.35
N PRO A 91 -20.02 10.74 -4.06
CA PRO A 91 -19.70 11.91 -4.91
C PRO A 91 -19.12 11.50 -6.24
N PRO A 92 -19.25 12.34 -7.27
CA PRO A 92 -18.52 12.12 -8.52
C PRO A 92 -17.01 12.12 -8.28
N THR A 93 -16.32 11.26 -9.02
CA THR A 93 -14.87 11.19 -8.88
C THR A 93 -14.19 12.51 -9.29
N SER A 94 -14.82 13.28 -10.17
CA SER A 94 -14.27 14.57 -10.57
C SER A 94 -14.68 15.75 -9.69
N ALA A 95 -15.48 15.51 -8.65
CA ALA A 95 -15.76 16.59 -7.70
C ALA A 95 -14.51 16.99 -6.91
N THR A 96 -14.42 18.26 -6.54
CA THR A 96 -13.34 18.64 -5.63
C THR A 96 -13.74 18.37 -4.17
N MET A 97 -12.74 18.16 -3.35
CA MET A 97 -13.02 18.01 -1.92
C MET A 97 -13.54 19.31 -1.32
N GLY A 98 -13.08 20.46 -1.82
CA GLY A 98 -13.65 21.74 -1.39
C GLY A 98 -15.14 21.83 -1.66
N GLN A 99 -15.60 21.36 -2.86
CA GLN A 99 -17.03 21.40 -3.14
C GLN A 99 -17.76 20.40 -2.26
N LEU A 100 -17.17 19.23 -2.08
CA LEU A 100 -17.79 18.24 -1.19
C LEU A 100 -17.94 18.78 0.22
N TYR A 101 -16.90 19.47 0.72
CA TYR A 101 -16.96 20.13 2.02
C TYR A 101 -18.05 21.19 2.03
N GLU A 102 -18.06 22.07 1.04
CA GLU A 102 -19.10 23.10 1.05
C GLU A 102 -20.48 22.46 1.16
N ASP A 103 -20.72 21.36 0.45
CA ASP A 103 -22.07 20.82 0.32
C ASP A 103 -22.46 19.98 1.52
N ASN A 104 -21.49 19.50 2.32
CA ASN A 104 -21.76 18.43 3.27
C ASN A 104 -21.12 18.62 4.63
N HIS A 105 -20.32 19.66 4.85
CA HIS A 105 -19.66 19.73 6.15
C HIS A 105 -20.72 19.84 7.25
N GLU A 106 -20.42 19.25 8.39
CA GLU A 106 -21.34 19.29 9.53
C GLU A 106 -21.17 20.59 10.30
N GLU A 107 -21.97 20.76 11.36
CA GLU A 107 -21.93 22.05 12.06
C GLU A 107 -20.69 22.21 12.91
N ASP A 108 -19.87 21.16 13.05
CA ASP A 108 -18.58 21.33 13.69
C ASP A 108 -17.50 21.74 12.69
N TYR A 109 -17.88 22.03 11.43
CA TYR A 109 -16.97 22.46 10.36
C TYR A 109 -16.04 21.33 9.89
N PHE A 110 -16.36 20.07 10.20
CA PHE A 110 -15.65 18.96 9.58
C PHE A 110 -16.51 18.26 8.52
N LEU A 111 -15.85 17.74 7.49
CA LEU A 111 -16.45 16.80 6.55
C LEU A 111 -16.13 15.38 6.97
N TYR A 112 -17.17 14.56 7.06
CA TYR A 112 -17.02 13.15 7.43
C TYR A 112 -17.25 12.25 6.23
N VAL A 113 -16.28 11.38 5.95
CA VAL A 113 -16.28 10.53 4.75
C VAL A 113 -16.14 9.10 5.20
N ALA A 114 -17.03 8.23 4.74
CA ALA A 114 -16.85 6.79 4.94
C ALA A 114 -16.41 6.16 3.63
N TYR A 115 -15.80 4.97 3.70
CA TYR A 115 -15.47 4.29 2.46
C TYR A 115 -15.75 2.81 2.55
N SER A 116 -15.99 2.23 1.39
CA SER A 116 -16.19 0.80 1.25
C SER A 116 -15.78 0.37 -0.15
N ASP A 117 -15.57 -0.93 -0.33
CA ASP A 117 -15.43 -1.40 -1.70
C ASP A 117 -16.76 -1.82 -2.32
N GLU A 118 -17.87 -1.72 -1.59
CA GLU A 118 -19.22 -1.98 -2.09
C GLU A 118 -19.94 -0.65 -2.17
N SER A 119 -20.62 -0.37 -3.31
CA SER A 119 -21.32 0.90 -3.39
C SER A 119 -22.70 0.78 -2.78
N VAL A 120 -23.23 -0.43 -2.74
CA VAL A 120 -24.58 -0.66 -2.27
C VAL A 120 -24.61 -1.53 -1.02
N MET B 7 2.73 -19.07 7.28
CA MET B 7 2.16 -17.74 7.07
C MET B 7 2.91 -16.92 6.05
N LYS B 8 2.19 -16.45 5.04
CA LYS B 8 2.81 -15.69 3.97
C LYS B 8 3.00 -14.24 4.39
N PHE B 9 4.16 -13.69 4.04
CA PHE B 9 4.39 -12.26 4.16
C PHE B 9 4.60 -11.70 2.77
N GLN B 10 3.92 -10.59 2.47
CA GLN B 10 4.03 -9.97 1.15
C GLN B 10 5.48 -9.71 0.78
N TYR B 11 6.27 -9.22 1.73
CA TYR B 11 7.64 -8.88 1.43
C TYR B 11 8.40 -10.11 0.96
N LYS B 12 8.14 -11.28 1.55
CA LYS B 12 8.84 -12.50 1.16
C LYS B 12 8.32 -13.01 -0.16
N GLU B 13 7.02 -12.85 -0.40
CA GLU B 13 6.48 -13.31 -1.69
C GLU B 13 6.89 -12.38 -2.83
N ASP B 14 7.12 -11.11 -2.53
CA ASP B 14 7.30 -10.06 -3.53
C ASP B 14 8.73 -9.95 -4.04
N HIS B 15 9.70 -10.60 -3.38
CA HIS B 15 11.06 -10.33 -3.74
C HIS B 15 11.86 -11.61 -3.63
N PRO B 16 12.76 -11.86 -4.58
CA PRO B 16 13.68 -12.99 -4.46
C PRO B 16 14.49 -12.93 -3.18
N PHE B 17 14.84 -14.12 -2.70
CA PHE B 17 15.59 -14.23 -1.46
C PHE B 17 16.89 -13.44 -1.54
N GLU B 18 17.62 -13.51 -2.68
CA GLU B 18 18.91 -12.81 -2.76
C GLU B 18 18.75 -11.30 -2.63
N TYR B 19 17.68 -10.75 -3.21
CA TYR B 19 17.41 -9.34 -3.06
C TYR B 19 17.14 -9.00 -1.60
N ARG B 20 16.31 -9.79 -0.94
CA ARG B 20 15.94 -9.48 0.44
C ARG B 20 17.15 -9.55 1.33
N LYS B 21 17.98 -10.59 1.15
CA LYS B 21 19.17 -10.71 2.01
C LYS B 21 20.13 -9.53 1.80
N LYS B 22 20.29 -9.09 0.54
CA LYS B 22 21.12 -7.93 0.27
C LYS B 22 20.53 -6.65 0.88
N GLU B 23 19.20 -6.51 0.87
CA GLU B 23 18.56 -5.38 1.53
C GLU B 23 18.71 -5.43 3.04
N GLY B 24 18.57 -6.63 3.63
CA GLY B 24 18.63 -6.72 5.08
C GLY B 24 20.03 -6.43 5.55
N GLU B 25 21.02 -6.96 4.83
CA GLU B 25 22.40 -6.67 5.26
C GLU B 25 22.73 -5.19 5.12
N LYS B 26 22.27 -4.57 4.02
CA LYS B 26 22.49 -3.15 3.80
C LYS B 26 21.83 -2.32 4.91
N ILE B 27 20.62 -2.66 5.29
CA ILE B 27 19.97 -1.81 6.27
C ILE B 27 20.59 -2.02 7.66
N ARG B 28 21.16 -3.19 7.91
CA ARG B 28 21.77 -3.40 9.21
C ARG B 28 23.09 -2.65 9.30
N LYS B 29 23.76 -2.49 8.17
CA LYS B 29 25.00 -1.73 8.14
C LYS B 29 24.74 -0.24 8.22
N LYS B 30 23.68 0.23 7.55
CA LYS B 30 23.37 1.66 7.55
C LYS B 30 22.77 2.15 8.86
N TYR B 31 22.00 1.31 9.56
CA TYR B 31 21.32 1.70 10.79
C TYR B 31 21.61 0.65 11.84
N PRO B 32 22.88 0.54 12.29
CA PRO B 32 23.23 -0.57 13.19
C PRO B 32 22.48 -0.58 14.50
N ASP B 33 21.95 0.56 14.98
CA ASP B 33 21.25 0.56 16.26
C ASP B 33 19.75 0.36 16.08
N ARG B 34 19.31 -0.05 14.88
CA ARG B 34 17.92 -0.37 14.67
C ARG B 34 17.80 -1.78 14.08
N VAL B 35 16.60 -2.37 14.17
CA VAL B 35 16.42 -3.66 13.50
C VAL B 35 15.22 -3.55 12.56
N PRO B 36 15.32 -4.17 11.38
CA PRO B 36 14.24 -4.09 10.38
C PRO B 36 13.23 -5.19 10.67
N VAL B 37 11.97 -4.75 10.78
CA VAL B 37 10.90 -5.61 11.20
C VAL B 37 9.76 -5.48 10.20
N ILE B 38 9.21 -6.60 9.78
CA ILE B 38 8.10 -6.67 8.84
C ILE B 38 6.90 -7.15 9.64
N VAL B 39 5.80 -6.38 9.66
CA VAL B 39 4.71 -6.61 10.59
C VAL B 39 3.43 -6.79 9.78
N GLU B 40 2.81 -7.96 9.89
CA GLU B 40 1.53 -8.21 9.19
C GLU B 40 0.53 -8.90 10.09
N LYS B 41 -0.74 -8.76 9.72
CA LYS B 41 -1.81 -9.35 10.49
C LYS B 41 -1.77 -10.86 10.44
N ALA B 42 -1.96 -11.48 11.62
CA ALA B 42 -1.98 -12.92 11.74
C ALA B 42 -3.19 -13.46 10.99
N PRO B 43 -3.12 -14.72 10.55
CA PRO B 43 -4.18 -15.25 9.68
C PRO B 43 -5.53 -15.32 10.42
N LYS B 44 -6.53 -14.75 9.77
CA LYS B 44 -7.93 -14.68 10.21
C LYS B 44 -8.11 -13.83 11.45
N ALA B 45 -7.09 -13.12 11.92
CA ALA B 45 -7.30 -12.26 13.08
C ALA B 45 -8.31 -11.17 12.77
N ARG B 46 -9.12 -10.81 13.75
CA ARG B 46 -10.16 -9.80 13.51
C ARG B 46 -9.70 -8.37 13.85
N VAL B 47 -8.40 -8.14 13.87
CA VAL B 47 -7.80 -6.90 14.37
C VAL B 47 -7.79 -5.88 13.24
N PRO B 48 -7.87 -4.57 13.53
CA PRO B 48 -7.76 -3.56 12.47
C PRO B 48 -6.42 -3.66 11.76
N ASP B 49 -6.42 -3.29 10.48
CA ASP B 49 -5.18 -3.31 9.70
C ASP B 49 -4.19 -2.23 10.14
N LEU B 50 -2.90 -2.62 10.19
CA LEU B 50 -1.79 -1.71 10.34
C LEU B 50 -1.28 -1.45 8.93
N ASP B 51 -1.54 -0.24 8.44
CA ASP B 51 -1.32 0.02 7.02
C ASP B 51 0.14 -0.13 6.62
N LYS B 52 1.05 0.57 7.35
CA LYS B 52 2.47 0.49 7.06
C LYS B 52 3.01 -0.82 7.64
N ARG B 53 3.70 -1.61 6.81
CA ARG B 53 4.16 -2.94 7.23
CA ARG B 53 4.17 -2.95 7.21
C ARG B 53 5.62 -3.01 7.64
N LYS B 54 6.47 -2.16 7.08
CA LYS B 54 7.91 -2.30 7.25
C LYS B 54 8.46 -1.20 8.14
N TYR B 55 9.21 -1.58 9.17
CA TYR B 55 9.74 -0.63 10.17
C TYR B 55 11.21 -0.84 10.48
N LEU B 56 11.89 0.25 10.80
CA LEU B 56 13.21 0.18 11.41
CA LEU B 56 13.21 0.21 11.39
C LEU B 56 13.05 0.61 12.85
N VAL B 57 13.16 -0.34 13.78
CA VAL B 57 12.76 -0.06 15.17
C VAL B 57 14.01 -0.05 16.04
N PRO B 58 14.11 0.85 17.01
CA PRO B 58 15.26 0.83 17.93
C PRO B 58 15.42 -0.54 18.57
N SER B 59 16.67 -1.02 18.63
CA SER B 59 16.89 -2.33 19.24
CA SER B 59 16.95 -2.31 19.26
C SER B 59 16.47 -2.34 20.70
N ASP B 60 16.45 -1.17 21.39
CA ASP B 60 16.07 -1.21 22.78
C ASP B 60 14.58 -1.04 23.01
N LEU B 61 13.79 -0.87 21.95
CA LEU B 61 12.34 -0.79 22.16
C LEU B 61 11.83 -2.14 22.68
N THR B 62 10.98 -2.12 23.73
CA THR B 62 10.48 -3.40 24.20
C THR B 62 9.24 -3.82 23.41
N VAL B 63 8.95 -5.13 23.51
CA VAL B 63 7.70 -5.68 22.98
C VAL B 63 6.48 -4.89 23.48
N GLY B 64 6.42 -4.62 24.78
CA GLY B 64 5.28 -3.86 25.28
C GLY B 64 5.18 -2.47 24.66
N GLN B 65 6.31 -1.80 24.49
CA GLN B 65 6.32 -0.48 23.93
C GLN B 65 5.88 -0.52 22.48
N PHE B 66 6.28 -1.58 21.77
CA PHE B 66 5.83 -1.70 20.37
C PHE B 66 4.33 -1.98 20.30
N TYR B 67 3.83 -2.81 21.23
CA TYR B 67 2.36 -3.01 21.35
C TYR B 67 1.64 -1.68 21.51
N PHE B 68 2.15 -0.81 22.41
CA PHE B 68 1.56 0.49 22.64
C PHE B 68 1.48 1.29 21.35
N LEU B 69 2.60 1.40 20.64
CA LEU B 69 2.63 2.15 19.39
C LEU B 69 1.70 1.56 18.36
N ILE B 70 1.67 0.23 18.22
CA ILE B 70 0.80 -0.36 17.19
C ILE B 70 -0.68 -0.10 17.52
N ARG B 71 -1.08 -0.36 18.75
CA ARG B 71 -2.52 -0.19 19.07
C ARG B 71 -2.94 1.27 18.99
N LYS B 72 -2.02 2.19 19.25
CA LYS B 72 -2.32 3.59 19.07
C LYS B 72 -2.55 3.90 17.60
N ARG B 73 -1.65 3.41 16.73
CA ARG B 73 -1.76 3.72 15.31
CA ARG B 73 -1.77 3.74 15.31
C ARG B 73 -3.03 3.14 14.69
N ILE B 74 -3.44 1.94 15.11
CA ILE B 74 -4.62 1.35 14.45
C ILE B 74 -5.93 1.66 15.18
N HIS B 75 -5.87 2.47 16.24
CA HIS B 75 -7.08 2.84 17.02
C HIS B 75 -7.85 1.61 17.53
N LEU B 76 -7.11 0.63 18.04
CA LEU B 76 -7.73 -0.58 18.58
C LEU B 76 -8.73 -0.23 19.67
N ARG B 77 -9.93 -0.82 19.56
CA ARG B 77 -11.01 -0.51 20.47
C ARG B 77 -10.61 -0.88 21.90
N PRO B 78 -11.13 -0.16 22.87
CA PRO B 78 -10.71 -0.38 24.26
C PRO B 78 -11.00 -1.81 24.78
N GLU B 79 -11.94 -2.53 24.19
CA GLU B 79 -12.33 -3.86 24.64
C GLU B 79 -11.49 -4.96 23.99
N ASP B 80 -10.39 -4.58 23.35
CA ASP B 80 -9.49 -5.51 22.68
C ASP B 80 -8.09 -5.36 23.24
N ALA B 81 -7.35 -6.47 23.28
CA ALA B 81 -5.96 -6.46 23.70
C ALA B 81 -5.11 -6.79 22.49
N LEU B 82 -3.96 -6.16 22.38
CA LEU B 82 -3.03 -6.35 21.27
C LEU B 82 -1.92 -7.30 21.69
N PHE B 83 -1.48 -8.17 20.76
CA PHE B 83 -0.25 -8.94 20.97
C PHE B 83 0.33 -9.27 19.60
N PHE B 84 1.53 -9.87 19.59
CA PHE B 84 1.93 -10.44 18.30
C PHE B 84 2.68 -11.73 18.51
N PHE B 85 2.84 -12.44 17.40
CA PHE B 85 3.55 -13.71 17.31
C PHE B 85 4.90 -13.48 16.63
N VAL B 86 5.94 -14.15 17.14
CA VAL B 86 7.20 -14.29 16.40
C VAL B 86 7.49 -15.78 16.36
N ASN B 87 7.65 -16.32 15.14
CA ASN B 87 7.77 -17.76 14.96
C ASN B 87 6.65 -18.47 15.72
N ASN B 88 5.44 -17.95 15.51
CA ASN B 88 4.22 -18.53 16.08
C ASN B 88 4.15 -18.55 17.60
N THR B 89 4.98 -17.82 18.30
CA THR B 89 4.98 -17.78 19.76
CA THR B 89 4.94 -17.78 19.76
C THR B 89 4.84 -16.33 20.22
N ILE B 90 4.13 -16.08 21.32
CA ILE B 90 3.96 -14.72 21.82
C ILE B 90 5.12 -14.38 22.73
N PRO B 91 5.94 -13.40 22.42
CA PRO B 91 7.10 -13.10 23.28
C PRO B 91 6.72 -12.28 24.50
N PRO B 92 7.56 -12.32 25.54
CA PRO B 92 7.32 -11.49 26.72
C PRO B 92 7.32 -10.01 26.38
N THR B 93 6.48 -9.24 27.10
CA THR B 93 6.45 -7.80 26.86
C THR B 93 7.77 -7.10 27.25
N SER B 94 8.56 -7.71 28.14
CA SER B 94 9.84 -7.09 28.51
C SER B 94 10.97 -7.41 27.55
N ALA B 95 10.75 -8.31 26.58
CA ALA B 95 11.78 -8.56 25.56
C ALA B 95 12.01 -7.30 24.75
N THR B 96 13.26 -7.06 24.36
CA THR B 96 13.54 -5.97 23.42
C THR B 96 13.45 -6.47 21.98
N MET B 97 13.11 -5.55 21.08
CA MET B 97 13.06 -5.92 19.67
C MET B 97 14.43 -6.35 19.14
N GLY B 98 15.50 -5.81 19.73
CA GLY B 98 16.84 -6.23 19.34
C GLY B 98 17.09 -7.67 19.74
N GLN B 99 16.66 -8.06 20.94
CA GLN B 99 16.73 -9.46 21.38
CA GLN B 99 16.77 -9.45 21.36
C GLN B 99 15.94 -10.37 20.45
N LEU B 100 14.69 -9.97 20.17
CA LEU B 100 13.86 -10.78 19.27
C LEU B 100 14.53 -10.92 17.91
N TYR B 101 15.09 -9.83 17.41
CA TYR B 101 15.75 -9.85 16.10
C TYR B 101 16.94 -10.83 16.10
N GLU B 102 17.80 -10.72 17.12
CA GLU B 102 18.98 -11.60 17.18
C GLU B 102 18.56 -13.05 17.33
N ASP B 103 17.44 -13.30 17.97
CA ASP B 103 17.07 -14.68 18.25
C ASP B 103 16.14 -15.28 17.19
N ASN B 104 15.53 -14.45 16.33
CA ASN B 104 14.47 -14.91 15.45
C ASN B 104 14.54 -14.40 14.02
N HIS B 105 15.53 -13.59 13.66
CA HIS B 105 15.49 -13.09 12.27
C HIS B 105 15.74 -14.24 11.29
N GLU B 106 15.16 -14.11 10.11
CA GLU B 106 15.29 -15.14 9.08
C GLU B 106 16.61 -14.95 8.32
N GLU B 107 16.86 -15.84 7.32
CA GLU B 107 18.19 -15.80 6.70
C GLU B 107 18.35 -14.61 5.75
N ASP B 108 17.26 -13.85 5.49
CA ASP B 108 17.37 -12.59 4.76
C ASP B 108 17.64 -11.38 5.66
N TYR B 109 17.93 -11.59 6.96
CA TYR B 109 18.21 -10.56 7.97
C TYR B 109 17.02 -9.69 8.31
N PHE B 110 15.79 -10.15 8.04
CA PHE B 110 14.60 -9.46 8.51
C PHE B 110 13.94 -10.26 9.63
N LEU B 111 13.30 -9.54 10.57
CA LEU B 111 12.41 -10.13 11.57
C LEU B 111 10.98 -9.98 11.09
N TYR B 112 10.22 -11.11 11.08
CA TYR B 112 8.81 -11.16 10.67
C TYR B 112 7.95 -11.32 11.91
N VAL B 113 6.94 -10.48 12.05
CA VAL B 113 6.07 -10.39 13.21
C VAL B 113 4.63 -10.46 12.72
N ALA B 114 3.79 -11.27 13.36
CA ALA B 114 2.37 -11.35 12.99
C ALA B 114 1.54 -10.86 14.16
N TYR B 115 0.85 -9.71 14.00
CA TYR B 115 0.11 -9.15 15.12
C TYR B 115 -1.35 -9.59 15.08
N SER B 116 -1.95 -9.57 16.27
CA SER B 116 -3.31 -10.04 16.42
C SER B 116 -3.97 -9.34 17.62
N ASP B 117 -5.22 -9.76 17.92
CA ASP B 117 -5.82 -9.27 19.15
C ASP B 117 -6.69 -10.33 19.80
N GLU B 118 -7.11 -10.03 21.01
CA GLU B 118 -8.11 -10.85 21.66
C GLU B 118 -9.18 -9.90 22.14
N SER B 119 -10.40 -10.35 21.95
CA SER B 119 -11.59 -9.56 22.24
C SER B 119 -12.41 -10.31 23.30
N VAL B 120 -12.97 -9.50 24.19
CA VAL B 120 -13.98 -9.99 25.08
C VAL B 120 -15.20 -10.46 24.28
N TYR B 121 -15.41 -9.85 23.13
CA TYR B 121 -16.58 -10.14 22.34
C TYR B 121 -16.22 -11.11 21.22
N MET C 7 -4.55 -11.35 -8.15
CA MET C 7 -4.73 -11.31 -9.61
C MET C 7 -4.16 -12.54 -10.31
N LYS C 8 -4.89 -13.09 -11.27
CA LYS C 8 -4.35 -14.25 -11.98
C LYS C 8 -3.62 -13.80 -13.25
N PHE C 9 -2.58 -14.53 -13.63
CA PHE C 9 -1.96 -14.37 -14.94
C PHE C 9 -2.16 -15.66 -15.70
N GLN C 10 -2.64 -15.55 -16.94
CA GLN C 10 -2.88 -16.75 -17.75
C GLN C 10 -1.62 -17.63 -17.87
N TYR C 11 -0.44 -16.99 -17.95
CA TYR C 11 0.78 -17.76 -18.17
C TYR C 11 1.05 -18.71 -17.01
N LYS C 12 0.78 -18.24 -15.79
CA LYS C 12 0.96 -19.11 -14.61
C LYS C 12 -0.13 -20.16 -14.52
N GLU C 13 -1.37 -19.79 -14.85
CA GLU C 13 -2.46 -20.76 -14.80
CA GLU C 13 -2.47 -20.75 -14.82
C GLU C 13 -2.26 -21.86 -15.83
N ASP C 14 -1.58 -21.55 -16.94
CA ASP C 14 -1.52 -22.45 -18.09
C ASP C 14 -0.30 -23.37 -18.10
N HIS C 15 0.66 -23.19 -17.18
CA HIS C 15 1.93 -23.92 -17.25
C HIS C 15 2.38 -24.23 -15.84
N PRO C 16 2.82 -25.45 -15.58
CA PRO C 16 3.28 -25.81 -14.23
C PRO C 16 4.53 -25.01 -13.85
N PHE C 17 4.74 -24.85 -12.54
CA PHE C 17 5.88 -24.07 -12.06
C PHE C 17 7.22 -24.49 -12.65
N GLU C 18 7.54 -25.81 -12.61
CA GLU C 18 8.86 -26.24 -13.04
C GLU C 18 9.13 -25.92 -14.51
N TYR C 19 8.13 -26.06 -15.38
CA TYR C 19 8.28 -25.63 -16.76
C TYR C 19 8.55 -24.13 -16.86
N ARG C 20 7.75 -23.32 -16.17
CA ARG C 20 7.98 -21.86 -16.20
CA ARG C 20 7.98 -21.87 -16.22
C ARG C 20 9.40 -21.53 -15.79
N LYS C 21 9.83 -22.12 -14.68
CA LYS C 21 11.17 -21.82 -14.17
C LYS C 21 12.22 -22.20 -15.22
N LYS C 22 12.02 -23.34 -15.89
CA LYS C 22 12.94 -23.76 -16.97
C LYS C 22 12.95 -22.71 -18.09
N GLU C 23 11.76 -22.20 -18.47
CA GLU C 23 11.66 -21.26 -19.58
C GLU C 23 12.26 -19.92 -19.20
N GLY C 24 12.03 -19.50 -17.95
CA GLY C 24 12.61 -18.24 -17.45
C GLY C 24 14.13 -18.29 -17.42
N GLU C 25 14.69 -19.37 -16.89
CA GLU C 25 16.15 -19.48 -16.91
C GLU C 25 16.67 -19.53 -18.33
N LYS C 26 15.94 -20.23 -19.22
CA LYS C 26 16.41 -20.37 -20.60
C LYS C 26 16.45 -19.02 -21.31
N ILE C 27 15.39 -18.23 -21.16
CA ILE C 27 15.32 -16.95 -21.86
C ILE C 27 16.31 -15.94 -21.28
N ARG C 28 16.68 -16.10 -20.01
CA ARG C 28 17.64 -15.18 -19.43
C ARG C 28 19.06 -15.54 -19.86
N LYS C 29 19.31 -16.82 -20.11
CA LYS C 29 20.65 -17.19 -20.55
C LYS C 29 20.85 -16.80 -22.00
N LYS C 30 19.78 -16.80 -22.78
CA LYS C 30 19.81 -16.50 -24.20
C LYS C 30 19.78 -15.00 -24.53
N TYR C 31 19.01 -14.21 -23.80
CA TYR C 31 18.99 -12.75 -23.98
C TYR C 31 19.39 -12.11 -22.66
N PRO C 32 20.66 -12.24 -22.27
CA PRO C 32 21.06 -11.80 -20.92
C PRO C 32 21.04 -10.28 -20.75
N ASP C 33 20.91 -9.53 -21.83
CA ASP C 33 20.73 -8.09 -21.69
C ASP C 33 19.26 -7.69 -21.75
N ARG C 34 18.35 -8.67 -21.70
CA ARG C 34 16.91 -8.41 -21.65
C ARG C 34 16.30 -9.11 -20.44
N VAL C 35 15.07 -8.70 -20.12
CA VAL C 35 14.33 -9.40 -19.07
C VAL C 35 12.94 -9.79 -19.57
N PRO C 36 12.46 -10.96 -19.23
CA PRO C 36 11.10 -11.35 -19.66
C PRO C 36 10.01 -10.86 -18.72
N VAL C 37 9.00 -10.21 -19.29
CA VAL C 37 7.98 -9.49 -18.54
C VAL C 37 6.65 -9.93 -19.08
N ILE C 38 5.76 -10.33 -18.19
CA ILE C 38 4.41 -10.73 -18.59
C ILE C 38 3.51 -9.64 -18.10
N VAL C 39 2.75 -9.00 -19.02
CA VAL C 39 1.97 -7.80 -18.73
C VAL C 39 0.51 -8.12 -19.00
N GLU C 40 -0.35 -7.83 -18.03
CA GLU C 40 -1.78 -7.97 -18.18
C GLU C 40 -2.50 -6.76 -17.63
N LYS C 41 -3.65 -6.49 -18.20
CA LYS C 41 -4.54 -5.47 -17.67
C LYS C 41 -5.08 -5.86 -16.30
N ALA C 42 -5.10 -4.92 -15.37
CA ALA C 42 -5.71 -5.19 -14.07
C ALA C 42 -7.20 -5.43 -14.23
N ARG C 46 -10.64 -0.69 -17.28
CA ARG C 46 -11.33 0.09 -18.31
C ARG C 46 -10.31 1.01 -19.01
N VAL C 47 -9.47 0.39 -19.83
CA VAL C 47 -8.31 1.01 -20.45
C VAL C 47 -8.11 0.27 -21.76
N PRO C 48 -7.65 0.91 -22.85
CA PRO C 48 -7.49 0.17 -24.12
C PRO C 48 -6.48 -0.96 -23.96
N ASP C 49 -6.44 -1.84 -24.97
CA ASP C 49 -5.79 -3.16 -24.80
C ASP C 49 -4.45 -3.23 -25.49
N LEU C 50 -3.49 -3.85 -24.78
CA LEU C 50 -2.24 -4.20 -25.42
C LEU C 50 -2.44 -5.34 -26.41
N ASP C 51 -3.28 -6.28 -26.04
CA ASP C 51 -3.57 -7.45 -26.88
C ASP C 51 -2.34 -8.31 -27.11
N LYS C 52 -1.35 -8.22 -26.23
CA LYS C 52 -0.11 -9.00 -26.30
C LYS C 52 0.47 -8.91 -24.89
N ARG C 53 0.83 -10.05 -24.29
CA ARG C 53 1.17 -10.08 -22.87
C ARG C 53 2.63 -10.32 -22.61
N LYS C 54 3.35 -11.06 -23.45
CA LYS C 54 4.71 -11.48 -23.11
C LYS C 54 5.72 -10.65 -23.88
N TYR C 55 6.64 -10.00 -23.16
CA TYR C 55 7.61 -9.07 -23.75
C TYR C 55 9.01 -9.39 -23.25
N LEU C 56 9.98 -9.23 -24.14
CA LEU C 56 11.39 -9.32 -23.81
CA LEU C 56 11.40 -9.31 -23.80
C LEU C 56 11.93 -7.90 -23.92
N VAL C 57 12.30 -7.31 -22.77
CA VAL C 57 12.50 -5.87 -22.61
C VAL C 57 13.98 -5.62 -22.33
N PRO C 58 14.62 -4.62 -22.90
CA PRO C 58 16.01 -4.37 -22.56
C PRO C 58 16.12 -4.04 -21.09
N SER C 59 17.14 -4.62 -20.43
CA SER C 59 17.35 -4.38 -19.02
C SER C 59 17.59 -2.91 -18.71
N ASP C 60 18.20 -2.16 -19.64
CA ASP C 60 18.45 -0.75 -19.35
C ASP C 60 17.30 0.19 -19.72
N LEU C 61 16.16 -0.32 -20.20
CA LEU C 61 14.98 0.50 -20.43
C LEU C 61 14.40 0.88 -19.08
N THR C 62 14.11 2.17 -18.87
CA THR C 62 13.47 2.57 -17.63
C THR C 62 11.97 2.25 -17.66
N VAL C 63 11.42 2.14 -16.45
CA VAL C 63 9.97 2.09 -16.23
C VAL C 63 9.29 3.24 -16.95
N GLY C 64 9.87 4.45 -16.89
CA GLY C 64 9.33 5.58 -17.65
C GLY C 64 9.29 5.32 -19.14
N GLN C 65 10.37 4.77 -19.69
CA GLN C 65 10.36 4.43 -21.10
C GLN C 65 9.32 3.35 -21.41
N PHE C 66 9.12 2.38 -20.52
CA PHE C 66 8.16 1.31 -20.78
C PHE C 66 6.75 1.89 -20.76
N TYR C 67 6.53 2.88 -19.86
CA TYR C 67 5.27 3.60 -19.88
C TYR C 67 5.02 4.26 -21.22
N PHE C 68 6.06 4.87 -21.77
CA PHE C 68 5.91 5.60 -23.02
C PHE C 68 5.56 4.65 -24.15
N LEU C 69 6.22 3.48 -24.16
CA LEU C 69 5.95 2.51 -25.21
C LEU C 69 4.55 1.93 -25.08
N ILE C 70 4.09 1.70 -23.85
CA ILE C 70 2.73 1.15 -23.67
C ILE C 70 1.67 2.18 -24.04
N ARG C 71 1.82 3.43 -23.57
CA ARG C 71 0.82 4.45 -23.84
C ARG C 71 0.69 4.68 -25.34
N LYS C 72 1.83 4.79 -26.03
CA LYS C 72 1.86 4.97 -27.48
C LYS C 72 1.12 3.84 -28.19
N ARG C 73 1.29 2.60 -27.73
CA ARG C 73 0.59 1.46 -28.33
CA ARG C 73 0.59 1.47 -28.32
C ARG C 73 -0.92 1.60 -28.19
N ILE C 74 -1.42 1.88 -26.97
CA ILE C 74 -2.86 1.80 -26.64
C ILE C 74 -3.62 3.13 -26.81
N HIS C 75 -2.91 4.22 -27.20
CA HIS C 75 -3.37 5.62 -27.18
CA HIS C 75 -3.36 5.62 -27.18
C HIS C 75 -4.37 5.98 -26.09
N LEU C 76 -3.94 6.00 -24.83
CA LEU C 76 -4.85 6.30 -23.73
C LEU C 76 -5.41 7.72 -23.83
N ARG C 77 -6.74 7.89 -23.54
CA ARG C 77 -7.40 9.22 -23.49
C ARG C 77 -6.68 10.24 -22.62
N PRO C 78 -6.76 11.54 -22.94
CA PRO C 78 -5.84 12.49 -22.30
C PRO C 78 -6.14 12.69 -20.82
N GLU C 79 -7.40 12.46 -20.39
CA GLU C 79 -7.80 12.63 -18.99
C GLU C 79 -7.51 11.38 -18.16
N ASP C 80 -6.70 10.46 -18.69
CA ASP C 80 -6.37 9.24 -17.97
C ASP C 80 -4.86 9.15 -17.81
N ALA C 81 -4.41 8.50 -16.75
CA ALA C 81 -3.01 8.32 -16.41
C ALA C 81 -2.70 6.83 -16.41
N LEU C 82 -1.66 6.40 -17.13
CA LEU C 82 -1.27 4.99 -17.22
C LEU C 82 -0.35 4.63 -16.06
N PHE C 83 -0.57 3.46 -15.42
CA PHE C 83 0.41 3.01 -14.44
C PHE C 83 0.49 1.51 -14.36
N PHE C 84 1.64 1.07 -13.87
CA PHE C 84 1.85 -0.35 -13.64
C PHE C 84 1.81 -0.63 -12.17
N PHE C 85 1.54 -1.89 -11.85
CA PHE C 85 1.89 -2.28 -10.49
C PHE C 85 2.48 -3.67 -10.51
N VAL C 86 3.47 -3.83 -9.65
CA VAL C 86 4.17 -5.08 -9.52
C VAL C 86 3.94 -5.49 -8.08
N ASN C 87 3.29 -6.62 -7.87
CA ASN C 87 2.98 -7.08 -6.51
C ASN C 87 2.27 -5.96 -5.74
N ASN C 88 1.26 -5.38 -6.38
CA ASN C 88 0.43 -4.35 -5.77
C ASN C 88 1.20 -3.06 -5.41
N THR C 89 2.40 -2.84 -5.94
CA THR C 89 3.16 -1.61 -5.73
C THR C 89 3.49 -0.94 -7.05
N ILE C 90 3.42 0.38 -7.11
CA ILE C 90 3.70 1.13 -8.33
C ILE C 90 5.19 1.43 -8.38
N PRO C 91 5.93 0.96 -9.38
CA PRO C 91 7.39 1.13 -9.37
C PRO C 91 7.81 2.52 -9.80
N PRO C 92 8.96 2.99 -9.33
CA PRO C 92 9.41 4.34 -9.69
C PRO C 92 9.80 4.41 -11.15
N THR C 93 9.50 5.55 -11.78
CA THR C 93 9.75 5.65 -13.21
C THR C 93 11.24 5.66 -13.55
N SER C 94 12.12 6.02 -12.60
CA SER C 94 13.54 6.03 -12.90
C SER C 94 14.19 4.66 -12.76
N ALA C 95 13.49 3.66 -12.21
CA ALA C 95 14.08 2.33 -12.09
C ALA C 95 14.21 1.72 -13.48
N THR C 96 15.31 0.97 -13.70
CA THR C 96 15.39 0.23 -14.95
C THR C 96 14.56 -1.05 -14.84
N MET C 97 14.14 -1.57 -16.00
CA MET C 97 13.44 -2.86 -16.02
C MET C 97 14.35 -3.99 -15.51
N GLY C 98 15.66 -3.87 -15.74
CA GLY C 98 16.59 -4.84 -15.13
C GLY C 98 16.57 -4.81 -13.62
N GLN C 99 16.52 -3.63 -13.03
CA GLN C 99 16.41 -3.51 -11.57
C GLN C 99 15.07 -4.03 -11.07
N LEU C 100 13.98 -3.62 -11.72
CA LEU C 100 12.68 -4.12 -11.36
C LEU C 100 12.64 -5.65 -11.42
N TYR C 101 13.16 -6.22 -12.50
CA TYR C 101 13.21 -7.70 -12.59
C TYR C 101 14.04 -8.30 -11.45
N GLU C 102 15.22 -7.77 -11.22
CA GLU C 102 16.07 -8.37 -10.19
C GLU C 102 15.43 -8.28 -8.81
N ASP C 103 14.68 -7.22 -8.55
CA ASP C 103 14.10 -6.98 -7.25
C ASP C 103 12.75 -7.66 -7.05
N ASN C 104 12.07 -8.04 -8.13
CA ASN C 104 10.70 -8.47 -8.00
C ASN C 104 10.33 -9.69 -8.84
N HIS C 105 11.26 -10.31 -9.59
CA HIS C 105 10.84 -11.49 -10.34
C HIS C 105 10.37 -12.60 -9.39
N GLU C 106 9.42 -13.42 -9.86
CA GLU C 106 8.92 -14.57 -9.11
C GLU C 106 9.92 -15.71 -9.19
N GLU C 107 9.62 -16.78 -8.47
CA GLU C 107 10.57 -17.90 -8.41
C GLU C 107 10.70 -18.66 -9.73
N ASP C 108 9.83 -18.36 -10.70
CA ASP C 108 9.97 -18.94 -12.04
C ASP C 108 10.83 -18.07 -12.97
N TYR C 109 11.46 -17.02 -12.45
CA TYR C 109 12.34 -16.13 -13.19
C TYR C 109 11.61 -15.29 -14.24
N PHE C 110 10.31 -15.05 -14.02
CA PHE C 110 9.56 -14.09 -14.83
C PHE C 110 9.13 -12.92 -13.96
N LEU C 111 9.08 -11.73 -14.57
CA LEU C 111 8.48 -10.56 -13.91
C LEU C 111 7.03 -10.38 -14.39
N TYR C 112 6.09 -10.29 -13.43
CA TYR C 112 4.65 -10.12 -13.70
C TYR C 112 4.19 -8.71 -13.37
N VAL C 113 3.60 -8.04 -14.35
CA VAL C 113 3.22 -6.62 -14.25
C VAL C 113 1.75 -6.46 -14.62
N ALA C 114 0.99 -5.75 -13.80
CA ALA C 114 -0.35 -5.39 -14.21
C ALA C 114 -0.37 -3.92 -14.57
N TYR C 115 -1.17 -3.56 -15.54
CA TYR C 115 -1.30 -2.15 -15.86
C TYR C 115 -2.75 -1.76 -15.69
N SER C 116 -2.95 -0.48 -15.36
CA SER C 116 -4.30 0.05 -15.21
C SER C 116 -4.25 1.54 -15.56
N ASP C 117 -5.30 2.27 -15.24
CA ASP C 117 -5.19 3.72 -15.36
C ASP C 117 -5.87 4.40 -14.17
N GLU C 118 -5.44 5.62 -13.85
CA GLU C 118 -6.22 6.52 -13.02
C GLU C 118 -6.97 7.48 -13.96
N SER C 119 -8.30 7.56 -13.81
CA SER C 119 -9.12 8.41 -14.65
CA SER C 119 -9.14 8.40 -14.64
C SER C 119 -9.70 9.58 -13.85
N VAL C 120 -9.65 10.78 -14.44
CA VAL C 120 -10.14 11.96 -13.74
C VAL C 120 -11.61 11.81 -13.40
N TYR C 121 -12.39 11.25 -14.31
CA TYR C 121 -13.83 11.21 -14.17
C TYR C 121 -14.34 9.88 -13.67
N GLY C 122 -13.49 8.88 -13.58
CA GLY C 122 -13.95 7.58 -13.11
C GLY C 122 -14.89 6.93 -14.12
N LYS C 123 -14.40 6.72 -15.34
CA LYS C 123 -15.19 6.10 -16.42
C LYS C 123 -16.45 6.91 -16.72
N GLU D 1 1.11 17.48 9.59
CA GLU D 1 0.41 16.92 10.75
C GLU D 1 0.19 17.97 11.84
N ASP D 2 -0.55 19.03 11.50
CA ASP D 2 -0.83 20.12 12.43
C ASP D 2 -2.05 19.77 13.28
N GLU D 3 -1.87 19.73 14.60
CA GLU D 3 -2.96 19.47 15.54
C GLU D 3 -3.61 18.11 15.25
N ASP D 4 -2.78 17.12 14.89
CA ASP D 4 -3.20 15.75 14.66
C ASP D 4 -3.97 15.61 13.35
N PHE D 5 -3.89 16.59 12.44
CA PHE D 5 -4.50 16.50 11.11
C PHE D 5 -3.38 16.37 10.10
N GLU D 6 -3.43 15.33 9.29
CA GLU D 6 -2.39 15.08 8.32
C GLU D 6 -2.56 15.99 7.12
N ILE D 7 -1.52 16.75 6.83
CA ILE D 7 -1.55 17.75 5.78
C ILE D 7 -1.19 17.06 4.48
N LEU D 8 -2.11 17.06 3.51
CA LEU D 8 -1.89 16.52 2.17
C LEU D 8 -1.53 17.64 1.18
N SER D 9 -0.82 17.27 0.12
CA SER D 9 -0.54 18.23 -0.95
C SER D 9 -1.11 17.74 -2.28
N LEU D 10 -1.21 18.68 -3.24
CA LEU D 10 -1.48 18.55 -4.70
C LEU D 10 -2.60 19.48 -5.25
N GLU E 1 12.05 7.51 5.96
CA GLU E 1 12.13 6.12 5.48
C GLU E 1 13.44 5.80 4.74
N ASP E 2 13.86 4.54 4.86
CA ASP E 2 15.00 4.04 4.09
C ASP E 2 14.64 2.66 3.59
N GLU E 3 14.87 2.42 2.29
CA GLU E 3 14.53 1.15 1.66
C GLU E 3 13.06 0.81 1.89
N ASP E 4 12.22 1.86 1.97
CA ASP E 4 10.78 1.78 2.23
C ASP E 4 10.42 1.30 3.65
N PHE E 5 11.35 1.39 4.61
CA PHE E 5 11.06 1.04 6.01
C PHE E 5 10.87 2.32 6.81
N GLU E 6 9.79 2.39 7.63
CA GLU E 6 9.54 3.57 8.44
C GLU E 6 10.46 3.61 9.65
N ILE E 7 11.16 4.73 9.82
CA ILE E 7 12.12 4.87 10.91
C ILE E 7 11.32 5.28 12.15
N LEU E 8 11.24 4.37 13.12
CA LEU E 8 10.27 4.44 14.19
C LEU E 8 10.94 4.95 15.46
N SER E 9 10.12 5.48 16.37
CA SER E 9 10.63 5.86 17.67
C SER E 9 9.48 5.99 18.66
N LEU E 10 9.81 5.77 19.93
CA LEU E 10 8.84 5.88 21.02
C LEU E 10 8.32 7.31 21.10
N GLU F 1 9.96 -12.44 -31.88
CA GLU F 1 9.54 -13.32 -30.79
C GLU F 1 10.58 -14.40 -30.41
N ASP F 2 10.55 -14.83 -29.14
CA ASP F 2 11.23 -16.02 -28.67
C ASP F 2 10.50 -16.56 -27.44
N GLU F 3 10.12 -17.85 -27.46
CA GLU F 3 9.22 -18.42 -26.45
C GLU F 3 7.90 -17.65 -26.38
N ASP F 4 7.41 -17.20 -27.53
CA ASP F 4 6.22 -16.37 -27.64
C ASP F 4 6.38 -15.00 -26.99
N PHE F 5 7.61 -14.54 -26.76
CA PHE F 5 7.85 -13.23 -26.14
C PHE F 5 8.19 -12.20 -27.20
N GLU F 6 7.49 -11.05 -27.19
CA GLU F 6 7.72 -10.03 -28.19
C GLU F 6 8.99 -9.25 -27.84
N ILE F 7 9.94 -9.24 -28.76
CA ILE F 7 11.18 -8.51 -28.53
C ILE F 7 10.86 -7.03 -28.69
N LEU F 8 11.00 -6.29 -27.58
CA LEU F 8 10.62 -4.88 -27.53
C LEU F 8 11.86 -4.01 -27.63
N SER F 9 11.76 -2.95 -28.41
CA SER F 9 12.85 -2.00 -28.52
C SER F 9 12.25 -0.59 -28.58
N LEU F 10 13.14 0.38 -28.33
CA LEU F 10 12.99 1.84 -28.53
C LEU F 10 13.12 2.58 -27.21
#